data_5YNM
#
_entry.id   5YNM
#
_cell.length_a   67.713
_cell.length_b   70.024
_cell.length_c   120.131
_cell.angle_alpha   90.00
_cell.angle_beta   90.00
_cell.angle_gamma   90.00
#
_symmetry.space_group_name_H-M   'P 21 2 21'
#
loop_
_entity.id
_entity.type
_entity.pdbx_description
1 polymer 'nsp16 protein'
2 polymer 'nsp10 protein'
3 non-polymer S-ADENOSYLMETHIONINE
4 non-polymer "P1-7-METHYLGUANOSINE-P3-ADENOSINE-5',5'-TRIPHOSPHATE"
5 non-polymer 'ZINC ION'
6 water water
#
loop_
_entity_poly.entity_id
_entity_poly.type
_entity_poly.pdbx_seq_one_letter_code
_entity_poly.pdbx_strand_id
1 'polypeptide(L)'
;ASADWKPGHAMPSLFKVQNVNLERCELANYKQSIPMPRGVHMNIAKYMQLCQYLNTCTLAVPANMRVIHFGAGSDKGIAP
GTSVLRQWLPTDAIIIDNDLNEFVSDADITLFGDCVTVRVGQQVDLVISDMYDPTTKNVTGSNESKALFFTYLCNLINNN
LALGGSVAIKITEHSWSVELYELMGKFAWWTVFCTNANASSSEGFLLGINYLGTIKENIDGGAMHANYIFWRNSTPMNLS
TYSLFDLSKFQLKLKGTPVLQLKESQINELVISLLSQGKLLIRDNDTLSVSTDVLVNTYRKLR
;
A
2 'polypeptide(L)'
;AGSNTEFASNSSVLSLVNFTVDPQKAYLDFVNAGGAPLTNCVKMLTPKTGTGIAISVKPESTADQETYGGASVCLYCRAH
IEHPDVSGVCKYKGKFVQIPAQCVRDPVGFCLSNTPCNVCQYWIGYGCNCDSLRQAALPQ
;
B
#
# COMPACT_ATOMS: atom_id res chain seq x y z
N ALA A 1 1.11 -12.51 -25.50
CA ALA A 1 0.32 -11.99 -24.38
C ALA A 1 1.08 -10.92 -23.61
N SER A 2 1.50 -9.87 -24.32
CA SER A 2 2.29 -8.81 -23.71
C SER A 2 1.61 -8.22 -22.48
N ALA A 3 0.27 -8.06 -22.49
CA ALA A 3 -0.36 -7.46 -21.31
C ALA A 3 -0.11 -8.27 -20.04
N ASP A 4 0.06 -9.57 -20.16
CA ASP A 4 0.29 -10.39 -18.96
C ASP A 4 1.61 -10.05 -18.26
N TRP A 5 2.53 -9.41 -18.97
CA TRP A 5 3.81 -9.01 -18.41
C TRP A 5 3.75 -7.59 -17.87
N LYS A 6 2.67 -6.82 -18.15
CA LYS A 6 2.48 -5.52 -17.54
C LYS A 6 1.91 -5.72 -16.15
N PRO A 7 1.96 -4.70 -15.29
CA PRO A 7 1.38 -4.87 -13.95
C PRO A 7 -0.15 -4.92 -13.96
N GLY A 8 -0.78 -4.44 -15.02
CA GLY A 8 -2.24 -4.47 -15.07
C GLY A 8 -2.69 -3.63 -16.25
N HIS A 9 -3.96 -3.25 -16.22
CA HIS A 9 -4.60 -2.58 -17.36
C HIS A 9 -5.11 -1.21 -16.92
N ALA A 10 -4.88 -0.18 -17.73
CA ALA A 10 -5.37 1.16 -17.40
C ALA A 10 -6.48 1.54 -18.38
N MET A 11 -7.53 2.12 -17.85
CA MET A 11 -8.70 2.48 -18.69
C MET A 11 -8.34 3.39 -19.83
N PRO A 12 -8.64 3.04 -21.07
CA PRO A 12 -8.14 3.82 -22.22
C PRO A 12 -9.11 4.92 -22.54
N SER A 13 -8.58 5.92 -23.27
CA SER A 13 -9.51 6.97 -23.64
C SER A 13 -10.63 6.46 -24.54
N LEU A 14 -10.42 5.35 -25.26
CA LEU A 14 -11.49 4.71 -26.04
C LEU A 14 -12.76 4.55 -25.21
N PHE A 15 -12.63 4.15 -23.95
CA PHE A 15 -13.81 4.00 -23.09
C PHE A 15 -14.19 5.24 -22.29
N LYS A 16 -13.21 6.10 -21.96
CA LYS A 16 -13.56 7.33 -21.23
C LYS A 16 -14.51 8.21 -22.02
N VAL A 17 -14.48 8.15 -23.35
CA VAL A 17 -15.31 9.06 -24.16
C VAL A 17 -16.68 8.49 -24.51
N GLN A 18 -16.97 7.25 -24.10
CA GLN A 18 -18.26 6.62 -24.40
C GLN A 18 -19.43 7.30 -23.65
N ASN A 19 -20.67 6.94 -24.06
CA ASN A 19 -21.86 7.44 -23.37
C ASN A 19 -22.89 6.32 -23.36
N VAL A 20 -22.95 5.62 -22.23
CA VAL A 20 -23.70 4.38 -22.06
C VAL A 20 -24.40 4.39 -20.69
N ASN A 21 -25.42 3.56 -20.57
CA ASN A 21 -26.05 3.33 -19.28
C ASN A 21 -25.14 2.49 -18.40
N LEU A 22 -25.33 2.63 -17.08
CA LEU A 22 -24.65 1.73 -16.15
C LEU A 22 -25.26 0.33 -16.25
N GLU A 23 -24.43 -0.67 -16.54
CA GLU A 23 -24.88 -2.06 -16.65
C GLU A 23 -24.26 -2.89 -15.52
N ARG A 24 -24.78 -4.11 -15.31
CA ARG A 24 -24.12 -5.04 -14.39
C ARG A 24 -22.74 -5.41 -14.94
N CYS A 25 -21.77 -5.53 -14.06
CA CYS A 25 -20.44 -5.99 -14.45
C CYS A 25 -20.40 -7.52 -14.49
N GLU A 26 -19.96 -8.09 -15.62
CA GLU A 26 -19.95 -9.55 -15.79
C GLU A 26 -18.58 -9.93 -16.32
N LEU A 27 -17.70 -10.41 -15.46
CA LEU A 27 -16.35 -10.80 -15.87
C LEU A 27 -16.34 -12.30 -16.13
N ALA A 28 -15.71 -12.71 -17.24
CA ALA A 28 -15.72 -14.14 -17.56
C ALA A 28 -15.00 -14.95 -16.50
N ASN A 29 -13.97 -14.38 -15.88
CA ASN A 29 -13.15 -15.14 -14.95
C ASN A 29 -13.48 -14.83 -13.52
N TYR A 30 -14.67 -14.26 -13.27
CA TYR A 30 -15.01 -13.71 -11.96
C TYR A 30 -14.64 -14.66 -10.83
N LYS A 31 -14.01 -14.09 -9.80
CA LYS A 31 -13.62 -14.71 -8.53
C LYS A 31 -12.56 -15.79 -8.69
N GLN A 32 -12.09 -16.09 -9.91
CA GLN A 32 -10.93 -16.95 -10.02
C GLN A 32 -9.76 -16.30 -9.30
N SER A 33 -8.90 -17.12 -8.72
CA SER A 33 -7.71 -16.61 -8.09
C SER A 33 -6.48 -17.29 -8.69
N ILE A 34 -5.36 -16.60 -8.55
CA ILE A 34 -4.08 -17.09 -9.04
C ILE A 34 -3.31 -17.48 -7.78
N PRO A 35 -2.52 -18.54 -7.78
CA PRO A 35 -1.69 -18.81 -6.61
C PRO A 35 -0.60 -17.75 -6.51
N MET A 36 -0.04 -17.59 -5.30
CA MET A 36 0.92 -16.49 -5.17
C MET A 36 2.35 -17.01 -5.15
N PRO A 37 3.29 -16.24 -5.72
CA PRO A 37 4.70 -16.66 -5.77
C PRO A 37 5.31 -17.47 -4.61
N ARG A 38 4.75 -17.39 -3.41
CA ARG A 38 5.32 -18.10 -2.26
C ARG A 38 4.24 -18.13 -1.18
N GLY A 39 4.63 -18.47 0.09
CA GLY A 39 3.82 -18.10 1.27
C GLY A 39 3.49 -16.60 1.37
N VAL A 40 3.01 -16.04 0.26
CA VAL A 40 3.00 -14.57 0.04
C VAL A 40 1.55 -14.10 -0.11
N HIS A 41 1.13 -13.12 0.71
CA HIS A 41 -0.27 -12.66 0.67
C HIS A 41 -0.60 -12.09 -0.70
N MET A 42 -1.84 -12.31 -1.15
CA MET A 42 -2.23 -11.78 -2.47
C MET A 42 -2.06 -10.27 -2.54
N ASN A 43 -2.33 -9.56 -1.43
CA ASN A 43 -2.19 -8.11 -1.42
C ASN A 43 -0.77 -7.64 -1.59
N ILE A 44 0.23 -8.49 -1.31
CA ILE A 44 1.60 -8.13 -1.71
C ILE A 44 1.63 -7.92 -3.22
N ALA A 45 1.09 -8.86 -3.99
CA ALA A 45 1.20 -8.73 -5.44
C ALA A 45 0.37 -7.55 -5.93
N LYS A 46 -0.84 -7.40 -5.37
CA LYS A 46 -1.73 -6.31 -5.82
C LYS A 46 -1.07 -4.96 -5.58
N TYR A 47 -0.55 -4.73 -4.39
CA TYR A 47 0.09 -3.44 -4.15
C TYR A 47 1.35 -3.26 -4.96
N MET A 48 2.13 -4.34 -5.15
CA MET A 48 3.33 -4.15 -5.95
C MET A 48 2.96 -3.74 -7.36
N GLN A 49 1.89 -4.33 -7.90
CA GLN A 49 1.52 -3.98 -9.28
C GLN A 49 0.96 -2.56 -9.36
N LEU A 50 0.23 -2.11 -8.36
CA LEU A 50 -0.18 -0.69 -8.35
C LEU A 50 1.07 0.21 -8.34
N CYS A 51 2.05 -0.12 -7.47
CA CYS A 51 3.27 0.65 -7.41
C CYS A 51 3.99 0.64 -8.75
N GLN A 52 4.05 -0.55 -9.41
CA GLN A 52 4.72 -0.61 -10.70
C GLN A 52 4.04 0.34 -11.71
N TYR A 53 2.71 0.38 -11.68
CA TYR A 53 2.02 1.29 -12.63
C TYR A 53 2.29 2.74 -12.25
N LEU A 54 2.32 3.04 -10.95
CA LEU A 54 2.63 4.41 -10.51
C LEU A 54 4.06 4.78 -10.86
N ASN A 55 5.00 3.81 -11.01
CA ASN A 55 6.33 4.09 -11.49
C ASN A 55 6.33 4.67 -12.90
N THR A 56 5.26 4.44 -13.66
CA THR A 56 5.20 4.96 -15.04
C THR A 56 4.47 6.29 -15.09
N CYS A 57 3.97 6.74 -13.97
CA CYS A 57 3.23 8.00 -13.87
C CYS A 57 4.13 9.13 -13.38
N THR A 58 3.68 10.39 -13.60
CA THR A 58 4.56 11.51 -13.25
C THR A 58 4.36 11.91 -11.79
N LEU A 59 4.58 10.94 -10.89
CA LEU A 59 4.43 11.27 -9.47
C LEU A 59 5.49 12.24 -8.98
N ALA A 60 5.06 13.17 -8.10
CA ALA A 60 6.01 13.98 -7.36
C ALA A 60 6.61 13.15 -6.21
N VAL A 61 7.94 13.17 -6.09
CA VAL A 61 8.64 12.35 -5.09
C VAL A 61 9.64 13.27 -4.40
N PRO A 62 9.21 14.00 -3.38
CA PRO A 62 10.10 14.91 -2.67
C PRO A 62 10.84 14.17 -1.56
N ALA A 63 11.80 14.87 -0.96
CA ALA A 63 12.29 14.41 0.34
C ALA A 63 11.16 14.48 1.36
N ASN A 64 11.27 13.66 2.40
CA ASN A 64 10.28 13.60 3.50
C ASN A 64 8.85 13.51 2.95
N MET A 65 8.68 12.67 1.92
CA MET A 65 7.42 12.58 1.20
C MET A 65 6.32 12.13 2.16
N ARG A 66 5.13 12.77 2.06
CA ARG A 66 4.04 12.55 3.01
C ARG A 66 2.98 11.63 2.41
N VAL A 67 2.85 10.41 2.92
CA VAL A 67 1.97 9.40 2.31
C VAL A 67 0.98 8.93 3.35
N ILE A 68 -0.29 8.90 3.01
CA ILE A 68 -1.28 8.38 3.95
C ILE A 68 -2.00 7.23 3.27
N HIS A 69 -2.21 6.14 4.02
CA HIS A 69 -2.68 4.86 3.51
C HIS A 69 -3.90 4.47 4.33
N PHE A 70 -5.10 4.65 3.78
CA PHE A 70 -6.35 4.31 4.45
C PHE A 70 -6.81 2.90 4.10
N GLY A 71 -7.43 2.21 5.07
CA GLY A 71 -7.87 0.82 4.82
C GLY A 71 -6.67 -0.11 4.77
N ALA A 72 -5.70 0.12 5.65
CA ALA A 72 -4.43 -0.62 5.59
C ALA A 72 -4.45 -1.92 6.37
N GLY A 73 -5.43 -2.11 7.25
CA GLY A 73 -5.44 -3.32 8.06
C GLY A 73 -6.11 -4.49 7.34
N SER A 74 -6.24 -5.60 8.04
CA SER A 74 -6.79 -6.79 7.41
C SER A 74 -7.41 -7.62 8.51
N ASP A 75 -8.20 -8.62 8.12
CA ASP A 75 -8.74 -9.48 9.18
C ASP A 75 -7.68 -10.36 9.82
N LYS A 76 -6.44 -10.33 9.33
CA LYS A 76 -5.34 -11.06 9.96
C LYS A 76 -4.53 -10.21 10.93
N GLY A 77 -4.87 -8.93 11.06
CA GLY A 77 -4.18 -8.03 11.96
C GLY A 77 -2.84 -7.54 11.47
N ILE A 78 -2.54 -7.73 10.18
CA ILE A 78 -1.29 -7.25 9.60
C ILE A 78 -1.62 -6.40 8.37
N ALA A 79 -0.58 -5.85 7.75
CA ALA A 79 -0.78 -4.80 6.74
C ALA A 79 0.16 -5.00 5.56
N PRO A 80 -0.13 -5.97 4.70
CA PRO A 80 0.82 -6.29 3.63
C PRO A 80 1.04 -5.09 2.74
N GLY A 81 -0.02 -4.36 2.41
CA GLY A 81 0.13 -3.18 1.55
C GLY A 81 1.07 -2.14 2.13
N THR A 82 1.01 -1.90 3.45
CA THR A 82 1.89 -0.91 4.04
C THR A 82 3.33 -1.34 3.92
N SER A 83 3.60 -2.64 4.06
CA SER A 83 4.98 -3.05 3.93
C SER A 83 5.47 -2.89 2.50
N VAL A 84 4.58 -3.15 1.53
CA VAL A 84 4.95 -2.87 0.13
C VAL A 84 5.25 -1.39 -0.05
N LEU A 85 4.41 -0.50 0.51
CA LEU A 85 4.70 0.91 0.40
C LEU A 85 6.05 1.23 1.03
N ARG A 86 6.39 0.58 2.14
CA ARG A 86 7.70 0.83 2.72
C ARG A 86 8.81 0.37 1.80
N GLN A 87 8.63 -0.78 1.14
CA GLN A 87 9.64 -1.26 0.18
C GLN A 87 9.76 -0.34 -1.05
N TRP A 88 8.66 0.29 -1.45
CA TRP A 88 8.63 1.04 -2.71
C TRP A 88 9.15 2.47 -2.51
N LEU A 89 8.68 3.12 -1.44
CA LEU A 89 8.92 4.54 -1.22
C LEU A 89 10.35 4.82 -0.82
N PRO A 90 10.78 6.08 -0.95
CA PRO A 90 12.08 6.50 -0.40
C PRO A 90 12.17 6.19 1.08
N THR A 91 13.40 5.94 1.55
CA THR A 91 13.59 5.59 2.95
C THR A 91 13.16 6.71 3.89
N ASP A 92 13.22 7.97 3.45
CA ASP A 92 12.80 9.07 4.30
C ASP A 92 11.33 9.46 4.12
N ALA A 93 10.55 8.71 3.34
CA ALA A 93 9.13 8.98 3.28
C ALA A 93 8.44 8.67 4.62
N ILE A 94 7.42 9.47 4.91
CA ILE A 94 6.62 9.27 6.11
C ILE A 94 5.35 8.56 5.68
N ILE A 95 5.09 7.38 6.25
CA ILE A 95 3.86 6.65 5.99
C ILE A 95 2.98 6.74 7.22
N ILE A 96 1.76 7.21 7.03
CA ILE A 96 0.74 7.18 8.06
C ILE A 96 -0.29 6.20 7.58
N ASP A 97 -0.69 5.22 8.40
CA ASP A 97 -1.78 4.36 7.94
C ASP A 97 -2.90 4.27 8.96
N ASN A 98 -4.03 3.74 8.48
CA ASN A 98 -5.26 3.81 9.25
C ASN A 98 -6.16 2.65 8.87
N ASP A 99 -6.90 2.13 9.85
CA ASP A 99 -7.96 1.17 9.57
C ASP A 99 -8.95 1.24 10.72
N LEU A 100 -10.20 0.87 10.42
CA LEU A 100 -11.20 0.74 11.48
C LEU A 100 -10.75 -0.20 12.59
N ASN A 101 -10.11 -1.31 12.22
CA ASN A 101 -9.78 -2.35 13.18
C ASN A 101 -8.29 -2.33 13.51
N GLU A 102 -7.95 -2.92 14.65
CA GLU A 102 -6.57 -2.91 15.09
C GLU A 102 -5.70 -3.77 14.18
N PHE A 103 -4.46 -3.32 13.96
CA PHE A 103 -3.49 -4.08 13.18
C PHE A 103 -2.09 -3.57 13.55
N VAL A 104 -1.06 -4.25 13.05
CA VAL A 104 0.31 -3.76 13.23
C VAL A 104 0.96 -3.65 11.87
N SER A 105 1.79 -2.62 11.73
CA SER A 105 2.33 -2.34 10.42
C SER A 105 3.69 -1.68 10.54
N ASP A 106 4.30 -1.53 9.39
CA ASP A 106 5.59 -0.88 9.27
C ASP A 106 5.45 0.58 8.94
N ALA A 107 4.29 1.18 9.18
CA ALA A 107 4.16 2.61 8.98
C ALA A 107 4.90 3.37 10.09
N ASP A 108 5.12 4.65 9.85
CA ASP A 108 5.66 5.54 10.87
C ASP A 108 4.63 5.85 11.95
N ILE A 109 3.38 5.99 11.57
CA ILE A 109 2.27 6.37 12.45
C ILE A 109 1.07 5.49 12.06
N THR A 110 0.45 4.82 13.04
CA THR A 110 -0.69 3.96 12.76
C THR A 110 -1.84 4.45 13.61
N LEU A 111 -2.96 4.76 12.97
CA LEU A 111 -4.14 5.25 13.66
C LEU A 111 -5.29 4.30 13.48
N PHE A 112 -5.97 3.95 14.58
CA PHE A 112 -7.12 3.07 14.48
C PHE A 112 -8.43 3.85 14.56
N GLY A 113 -9.45 3.32 13.91
CA GLY A 113 -10.77 3.96 13.92
C GLY A 113 -11.19 4.36 12.51
N ASP A 114 -12.42 4.89 12.43
CA ASP A 114 -12.96 5.42 11.19
C ASP A 114 -12.03 6.46 10.59
N CYS A 115 -11.91 6.45 9.26
CA CYS A 115 -10.99 7.43 8.67
C CYS A 115 -11.41 8.85 9.00
N VAL A 116 -12.69 9.09 9.31
CA VAL A 116 -13.14 10.43 9.64
C VAL A 116 -12.49 10.90 10.94
N THR A 117 -12.02 9.98 11.79
CA THR A 117 -11.29 10.42 12.97
C THR A 117 -9.83 10.83 12.65
N VAL A 118 -9.36 10.66 11.41
CA VAL A 118 -7.98 11.00 11.07
C VAL A 118 -7.89 12.48 10.70
N ARG A 119 -7.20 13.25 11.57
CA ARG A 119 -7.02 14.67 11.32
C ARG A 119 -5.68 14.91 10.61
N VAL A 120 -5.75 15.37 9.36
CA VAL A 120 -4.57 15.69 8.55
C VAL A 120 -4.29 17.19 8.73
N GLY A 121 -3.30 17.51 9.57
CA GLY A 121 -3.04 18.90 9.89
C GLY A 121 -2.37 19.68 8.76
N GLN A 122 -1.53 19.00 7.98
CA GLN A 122 -0.77 19.59 6.89
C GLN A 122 -1.11 18.85 5.60
N GLN A 123 -0.85 19.47 4.47
CA GLN A 123 -1.19 18.78 3.22
C GLN A 123 -0.22 17.63 2.94
N VAL A 124 -0.72 16.58 2.30
CA VAL A 124 0.10 15.41 2.00
C VAL A 124 0.36 15.30 0.49
N ASP A 125 1.25 14.35 0.14
CA ASP A 125 1.74 14.22 -1.21
C ASP A 125 1.12 13.07 -1.99
N LEU A 126 0.67 12.04 -1.26
CA LEU A 126 0.19 10.82 -1.91
C LEU A 126 -0.83 10.21 -0.97
N VAL A 127 -2.02 9.90 -1.47
CA VAL A 127 -3.06 9.19 -0.71
C VAL A 127 -3.30 7.87 -1.41
N ILE A 128 -3.20 6.76 -0.65
CA ILE A 128 -3.59 5.45 -1.11
C ILE A 128 -4.77 5.03 -0.26
N SER A 129 -5.90 4.65 -0.88
CA SER A 129 -7.00 4.08 -0.12
C SER A 129 -7.32 2.69 -0.63
N ASP A 130 -7.33 1.70 0.28
CA ASP A 130 -7.90 0.42 -0.03
C ASP A 130 -9.18 0.15 0.77
N MET A 131 -9.85 1.19 1.26
CA MET A 131 -11.07 1.04 2.04
C MET A 131 -12.19 0.45 1.22
N TYR A 132 -12.97 -0.40 1.85
CA TYR A 132 -14.12 -1.06 1.27
C TYR A 132 -15.02 -1.43 2.44
N ASP A 133 -16.30 -1.11 2.30
CA ASP A 133 -17.29 -1.31 3.38
C ASP A 133 -18.03 -2.62 3.14
N PRO A 134 -17.97 -3.55 4.07
CA PRO A 134 -18.67 -4.83 3.89
C PRO A 134 -20.13 -4.71 3.47
N THR A 135 -20.85 -3.68 3.91
CA THR A 135 -22.26 -3.57 3.56
C THR A 135 -22.47 -3.40 2.06
N THR A 136 -21.43 -3.00 1.32
CA THR A 136 -21.54 -2.87 -0.12
C THR A 136 -21.88 -4.20 -0.79
N LYS A 137 -21.66 -5.33 -0.10
CA LYS A 137 -22.03 -6.64 -0.61
C LYS A 137 -23.54 -6.90 -0.52
N ASN A 138 -24.30 -6.11 0.22
CA ASN A 138 -25.75 -6.26 0.30
C ASN A 138 -26.38 -5.38 -0.78
N VAL A 139 -26.41 -5.88 -2.01
CA VAL A 139 -26.92 -5.10 -3.11
C VAL A 139 -28.44 -5.19 -3.18
N GLY A 141 -31.10 -3.13 -4.51
CA GLY A 141 -31.69 -2.32 -5.56
C GLY A 141 -30.69 -1.82 -6.59
N SER A 142 -30.93 -0.66 -7.20
CA SER A 142 -30.05 -0.22 -8.25
C SER A 142 -28.72 0.27 -7.66
N ASN A 143 -27.71 0.33 -8.52
CA ASN A 143 -26.34 0.62 -8.09
C ASN A 143 -26.15 2.14 -8.18
N GLU A 144 -26.34 2.79 -7.04
CA GLU A 144 -26.24 4.25 -6.97
C GLU A 144 -24.89 4.66 -6.41
N SER A 145 -24.52 5.89 -6.68
CA SER A 145 -23.31 6.44 -6.07
C SER A 145 -23.36 6.29 -4.55
N LYS A 146 -22.21 6.01 -3.95
CA LYS A 146 -22.08 5.74 -2.52
C LYS A 146 -21.45 6.95 -1.83
N ALA A 147 -21.86 7.16 -0.57
CA ALA A 147 -21.20 8.09 0.33
C ALA A 147 -20.11 7.37 1.12
N LEU A 148 -20.44 6.76 2.26
CA LEU A 148 -19.46 5.99 3.02
C LEU A 148 -18.23 6.85 3.30
N PHE A 149 -17.01 6.28 3.16
CA PHE A 149 -15.75 6.99 3.37
C PHE A 149 -15.41 7.89 2.19
N PHE A 150 -16.21 7.87 1.12
CA PHE A 150 -15.86 8.71 -0.02
C PHE A 150 -16.08 10.18 0.29
N THR A 151 -17.03 10.51 1.16
CA THR A 151 -17.26 11.92 1.52
C THR A 151 -15.99 12.50 2.14
N TYR A 152 -15.41 11.75 3.08
CA TYR A 152 -14.12 12.11 3.66
C TYR A 152 -13.02 12.25 2.63
N LEU A 153 -12.90 11.27 1.72
CA LEU A 153 -11.78 11.38 0.78
C LEU A 153 -11.94 12.57 -0.15
N CYS A 154 -13.17 12.87 -0.57
CA CYS A 154 -13.38 14.02 -1.46
C CYS A 154 -12.98 15.30 -0.75
N ASN A 155 -13.36 15.41 0.51
CA ASN A 155 -12.98 16.60 1.28
C ASN A 155 -11.47 16.66 1.43
N LEU A 156 -10.81 15.51 1.63
CA LEU A 156 -9.35 15.48 1.72
C LEU A 156 -8.72 16.00 0.43
N ILE A 157 -9.19 15.51 -0.72
CA ILE A 157 -8.61 15.98 -1.98
C ILE A 157 -8.75 17.49 -2.09
N ASN A 158 -9.89 18.02 -1.67
CA ASN A 158 -10.12 19.44 -1.82
C ASN A 158 -9.32 20.28 -0.83
N ASN A 159 -8.85 19.73 0.28
CA ASN A 159 -8.29 20.62 1.29
C ASN A 159 -6.90 20.23 1.75
N ASN A 160 -6.58 18.93 1.74
CA ASN A 160 -5.43 18.41 2.46
C ASN A 160 -4.47 17.69 1.53
N LEU A 161 -4.57 17.96 0.24
CA LEU A 161 -3.69 17.38 -0.77
C LEU A 161 -2.86 18.49 -1.41
N ALA A 162 -1.53 18.31 -1.41
CA ALA A 162 -0.65 19.30 -2.04
C ALA A 162 -0.95 19.44 -3.53
N LEU A 163 -0.80 20.67 -4.04
CA LEU A 163 -0.77 20.80 -5.48
C LEU A 163 0.42 19.99 -6.00
N GLY A 164 0.15 19.18 -7.02
CA GLY A 164 1.12 18.26 -7.55
C GLY A 164 1.02 16.88 -6.94
N GLY A 165 0.24 16.74 -5.87
CA GLY A 165 0.07 15.45 -5.20
C GLY A 165 -0.81 14.51 -5.98
N SER A 166 -0.84 13.24 -5.55
CA SER A 166 -1.59 12.24 -6.33
C SER A 166 -2.38 11.33 -5.39
N VAL A 167 -3.40 10.65 -5.97
CA VAL A 167 -4.21 9.71 -5.19
C VAL A 167 -4.40 8.43 -5.97
N ALA A 168 -4.52 7.29 -5.20
CA ALA A 168 -4.95 6.01 -5.77
C ALA A 168 -6.00 5.46 -4.83
N ILE A 169 -7.26 5.36 -5.28
CA ILE A 169 -8.39 5.09 -4.39
C ILE A 169 -9.13 3.87 -4.92
N LYS A 170 -9.19 2.83 -4.10
CA LYS A 170 -9.85 1.64 -4.60
C LYS A 170 -11.34 1.84 -4.79
N ILE A 171 -11.87 1.38 -5.94
CA ILE A 171 -13.30 1.32 -6.17
C ILE A 171 -13.66 -0.07 -6.67
N THR A 172 -14.95 -0.34 -6.74
CA THR A 172 -15.40 -1.61 -7.32
C THR A 172 -16.65 -1.33 -8.14
N GLU A 173 -17.30 -2.38 -8.63
CA GLU A 173 -18.55 -2.16 -9.35
C GLU A 173 -19.55 -1.39 -8.48
N HIS A 174 -19.69 -1.80 -7.23
CA HIS A 174 -20.69 -1.22 -6.34
C HIS A 174 -20.08 -0.22 -5.34
N SER A 175 -18.75 -0.21 -5.16
CA SER A 175 -18.15 0.72 -4.19
C SER A 175 -17.52 1.86 -4.98
N TRP A 176 -18.29 2.96 -5.14
CA TRP A 176 -17.80 4.04 -6.01
C TRP A 176 -18.59 5.32 -5.70
N SER A 177 -18.11 6.42 -6.25
CA SER A 177 -18.65 7.75 -5.87
C SER A 177 -18.67 8.67 -7.10
N VAL A 178 -19.83 9.28 -7.39
CA VAL A 178 -19.90 10.27 -8.45
C VAL A 178 -18.91 11.39 -8.20
N GLU A 179 -18.92 11.92 -6.97
CA GLU A 179 -18.06 13.08 -6.68
C GLU A 179 -16.60 12.78 -6.82
N LEU A 180 -16.16 11.56 -6.45
CA LEU A 180 -14.74 11.26 -6.60
C LEU A 180 -14.35 11.23 -8.09
N TYR A 181 -15.21 10.66 -8.94
CA TYR A 181 -14.88 10.71 -10.36
C TYR A 181 -14.79 12.15 -10.84
N GLU A 182 -15.73 13.00 -10.41
CA GLU A 182 -15.66 14.42 -10.81
C GLU A 182 -14.35 15.06 -10.38
N LEU A 183 -13.86 14.72 -9.17
CA LEU A 183 -12.62 15.33 -8.70
C LEU A 183 -11.40 14.90 -9.49
N MET A 184 -11.46 13.78 -10.23
CA MET A 184 -10.34 13.41 -11.08
C MET A 184 -10.10 14.45 -12.14
N GLY A 185 -11.14 15.22 -12.48
CA GLY A 185 -10.95 16.33 -13.43
C GLY A 185 -10.13 17.49 -12.89
N LYS A 186 -9.77 17.47 -11.61
CA LYS A 186 -8.92 18.53 -11.06
C LYS A 186 -7.44 18.11 -11.01
N PHE A 187 -7.11 16.95 -11.56
CA PHE A 187 -5.73 16.55 -11.69
C PHE A 187 -5.23 16.73 -13.11
N ALA A 188 -3.93 16.72 -13.27
CA ALA A 188 -3.37 16.81 -14.62
C ALA A 188 -3.76 15.62 -15.49
N TRP A 189 -3.92 14.43 -14.89
CA TRP A 189 -4.29 13.24 -15.65
C TRP A 189 -4.91 12.26 -14.67
N TRP A 190 -5.73 11.33 -15.20
CA TRP A 190 -6.39 10.37 -14.29
C TRP A 190 -6.69 9.10 -15.09
N THR A 191 -6.88 8.00 -14.39
CA THR A 191 -7.34 6.78 -15.06
C THR A 191 -7.94 5.86 -14.00
N VAL A 192 -8.39 4.65 -14.43
CA VAL A 192 -8.67 3.56 -13.48
C VAL A 192 -7.68 2.45 -13.82
N PHE A 193 -6.97 1.95 -12.81
CA PHE A 193 -5.96 0.92 -13.03
C PHE A 193 -6.40 -0.37 -12.34
N CYS A 194 -6.40 -1.47 -13.08
CA CYS A 194 -6.78 -2.81 -12.58
C CYS A 194 -5.54 -3.69 -12.59
N THR A 195 -5.17 -4.19 -11.41
CA THR A 195 -4.01 -5.09 -11.34
C THR A 195 -4.28 -6.40 -12.05
N ASN A 196 -3.20 -6.98 -12.62
CA ASN A 196 -3.34 -8.32 -13.18
C ASN A 196 -3.52 -9.37 -12.10
N ALA A 197 -3.00 -9.13 -10.87
CA ALA A 197 -3.11 -10.12 -9.81
C ALA A 197 -4.55 -10.29 -9.39
N ASN A 198 -5.39 -9.27 -9.61
CA ASN A 198 -6.77 -9.35 -9.21
C ASN A 198 -7.69 -8.99 -10.36
N ALA A 199 -7.29 -9.39 -11.58
CA ALA A 199 -8.02 -9.06 -12.81
C ALA A 199 -9.42 -9.65 -12.86
N SER A 200 -9.71 -10.67 -12.03
CA SER A 200 -11.01 -11.29 -12.06
C SER A 200 -12.02 -10.56 -11.19
N SER A 201 -11.65 -9.43 -10.61
CA SER A 201 -12.51 -8.64 -9.73
C SER A 201 -12.86 -7.32 -10.43
N SER A 202 -14.06 -6.76 -10.12
CA SER A 202 -14.37 -5.41 -10.62
C SER A 202 -13.60 -4.34 -9.90
N GLU A 203 -12.76 -4.68 -8.92
CA GLU A 203 -11.87 -3.69 -8.31
C GLU A 203 -11.08 -2.90 -9.35
N GLY A 204 -10.92 -1.59 -9.11
CA GLY A 204 -9.94 -0.81 -9.83
C GLY A 204 -9.42 0.24 -8.86
N PHE A 205 -8.29 0.82 -9.19
CA PHE A 205 -7.76 1.96 -8.45
C PHE A 205 -7.95 3.23 -9.27
N LEU A 206 -8.81 4.09 -8.76
CA LEU A 206 -9.02 5.38 -9.41
C LEU A 206 -7.81 6.26 -9.12
N LEU A 207 -7.10 6.71 -10.17
CA LEU A 207 -5.79 7.36 -10.04
C LEU A 207 -5.98 8.83 -10.43
N GLY A 208 -5.61 9.73 -9.55
CA GLY A 208 -5.57 11.17 -9.90
C GLY A 208 -4.09 11.54 -9.80
N ILE A 209 -3.47 11.94 -10.91
CA ILE A 209 -2.02 12.17 -10.94
C ILE A 209 -1.78 13.68 -11.07
N ASN A 210 -1.13 14.27 -10.07
CA ASN A 210 -0.74 15.68 -9.99
C ASN A 210 -1.94 16.62 -9.84
N TYR A 211 -2.27 16.93 -8.59
CA TYR A 211 -3.48 17.72 -8.28
C TYR A 211 -3.24 19.18 -8.69
N LEU A 212 -4.20 19.76 -9.44
CA LEU A 212 -4.07 21.17 -9.85
C LEU A 212 -5.02 22.12 -9.14
N GLY A 213 -6.00 21.61 -8.44
CA GLY A 213 -6.84 22.48 -7.65
C GLY A 213 -7.83 23.26 -8.48
N THR A 214 -7.93 22.96 -9.75
CA THR A 214 -8.84 23.66 -10.67
C THR A 214 -9.38 22.62 -11.63
N ILE A 215 -10.51 22.89 -12.29
CA ILE A 215 -11.13 21.89 -13.16
C ILE A 215 -10.46 21.91 -14.53
N LYS A 216 -9.71 20.87 -14.84
CA LYS A 216 -9.13 20.65 -16.16
C LYS A 216 -10.05 19.87 -17.09
N GLU A 217 -10.83 18.93 -16.57
CA GLU A 217 -11.76 18.11 -17.37
C GLU A 217 -13.09 18.08 -16.62
N ASN A 218 -14.19 18.43 -17.30
CA ASN A 218 -15.50 18.32 -16.66
C ASN A 218 -15.98 16.88 -16.84
N ILE A 219 -16.02 16.11 -15.78
CA ILE A 219 -16.35 14.69 -15.84
C ILE A 219 -17.74 14.52 -15.26
N ASP A 220 -18.60 13.78 -15.98
CA ASP A 220 -19.87 13.35 -15.48
C ASP A 220 -19.62 12.03 -14.75
N GLY A 221 -19.66 12.09 -13.41
CA GLY A 221 -19.11 10.94 -12.66
C GLY A 221 -19.96 9.68 -12.79
N GLY A 222 -21.31 9.81 -12.77
CA GLY A 222 -22.17 8.63 -12.98
C GLY A 222 -21.97 8.02 -14.36
N ALA A 223 -21.86 8.87 -15.37
CA ALA A 223 -21.57 8.35 -16.72
C ALA A 223 -20.19 7.70 -16.79
N MET A 224 -19.21 8.24 -16.09
CA MET A 224 -17.85 7.70 -16.18
C MET A 224 -17.76 6.35 -15.49
N HIS A 225 -18.49 6.15 -14.39
CA HIS A 225 -18.50 4.79 -13.83
C HIS A 225 -19.15 3.82 -14.83
N ALA A 226 -20.21 4.26 -15.51
CA ALA A 226 -20.81 3.39 -16.52
C ALA A 226 -19.77 3.00 -17.59
N ASN A 227 -18.92 3.96 -17.98
CA ASN A 227 -17.86 3.72 -18.95
C ASN A 227 -16.83 2.76 -18.40
N TYR A 228 -16.54 2.86 -17.09
CA TYR A 228 -15.59 1.93 -16.47
C TYR A 228 -16.13 0.51 -16.53
N ILE A 229 -17.42 0.32 -16.17
CA ILE A 229 -18.01 -1.00 -16.24
C ILE A 229 -18.05 -1.49 -17.68
N PHE A 230 -18.36 -0.60 -18.64
CA PHE A 230 -18.38 -1.01 -20.05
C PHE A 230 -16.99 -1.47 -20.46
N TRP A 231 -15.97 -0.77 -20.03
CA TRP A 231 -14.61 -1.19 -20.32
C TRP A 231 -14.33 -2.56 -19.75
N ARG A 232 -14.65 -2.78 -18.46
CA ARG A 232 -14.33 -4.08 -17.89
C ARG A 232 -15.10 -5.19 -18.62
N ASN A 233 -16.35 -4.90 -19.01
CA ASN A 233 -17.17 -5.90 -19.67
C ASN A 233 -16.68 -6.20 -21.08
N SER A 234 -15.89 -5.32 -21.67
CA SER A 234 -15.39 -5.43 -23.02
C SER A 234 -13.94 -5.92 -23.11
N THR A 235 -13.25 -6.09 -22.00
CA THR A 235 -11.79 -6.26 -22.05
C THR A 235 -11.33 -7.51 -21.36
N PRO A 236 -10.96 -8.56 -22.12
CA PRO A 236 -10.36 -9.76 -21.53
C PRO A 236 -9.16 -9.37 -20.69
N MET A 237 -9.11 -9.84 -19.45
CA MET A 237 -7.93 -9.66 -18.61
C MET A 237 -7.54 -11.00 -17.96
N ASN A 238 -6.31 -11.47 -18.21
CA ASN A 238 -5.81 -12.71 -17.59
C ASN A 238 -5.17 -12.44 -16.24
N LEU A 239 -5.48 -13.28 -15.25
CA LEU A 239 -4.81 -13.20 -13.98
C LEU A 239 -3.33 -13.43 -14.20
N SER A 240 -2.48 -12.58 -13.63
CA SER A 240 -1.06 -12.76 -13.88
C SER A 240 -0.25 -12.05 -12.82
N THR A 241 0.93 -12.59 -12.53
CA THR A 241 1.88 -11.85 -11.71
C THR A 241 3.25 -11.80 -12.39
N TYR A 242 3.29 -12.03 -13.71
CA TYR A 242 4.55 -12.05 -14.47
C TYR A 242 5.32 -10.74 -14.31
N SER A 243 4.63 -9.60 -14.14
CA SER A 243 5.37 -8.36 -13.97
C SER A 243 6.27 -8.38 -12.74
N LEU A 244 6.00 -9.26 -11.79
CA LEU A 244 6.80 -9.28 -10.58
C LEU A 244 8.01 -10.21 -10.70
N PHE A 245 8.29 -10.76 -11.89
CA PHE A 245 9.46 -11.62 -12.05
C PHE A 245 10.76 -10.85 -12.00
N ASP A 246 10.77 -9.62 -12.51
CA ASP A 246 11.93 -8.74 -12.51
C ASP A 246 11.62 -7.52 -11.66
N LEU A 247 12.26 -7.44 -10.50
CA LEU A 247 12.02 -6.38 -9.54
C LEU A 247 13.22 -5.46 -9.39
N SER A 248 14.18 -5.54 -10.31
CA SER A 248 15.38 -4.73 -10.21
C SER A 248 15.10 -3.23 -10.24
N LYS A 249 13.97 -2.79 -10.80
CA LYS A 249 13.65 -1.37 -10.86
C LYS A 249 12.34 -1.06 -10.14
N PHE A 250 12.03 -1.83 -9.11
CA PHE A 250 10.73 -1.67 -8.45
C PHE A 250 10.65 -0.37 -7.67
N GLN A 251 11.74 -0.01 -6.96
CA GLN A 251 11.65 1.09 -6.01
C GLN A 251 11.33 2.39 -6.76
N LEU A 252 10.52 3.24 -6.13
CA LEU A 252 10.16 4.54 -6.69
C LEU A 252 11.41 5.38 -6.96
N LYS A 253 11.45 6.04 -8.13
CA LYS A 253 12.62 6.83 -8.48
C LYS A 253 12.76 7.97 -7.47
N LEU A 254 14.00 8.25 -7.08
CA LEU A 254 14.30 9.30 -6.10
C LEU A 254 14.41 10.60 -6.89
N LYS A 255 13.27 11.17 -7.18
CA LYS A 255 13.23 12.35 -8.06
C LYS A 255 13.71 13.65 -7.40
N GLY A 256 13.70 13.74 -6.08
CA GLY A 256 14.08 14.98 -5.43
C GLY A 256 13.16 16.15 -5.76
N THR A 257 11.89 15.88 -5.94
CA THR A 257 10.96 16.90 -6.40
C THR A 257 10.95 18.07 -5.42
N PRO A 258 11.08 19.32 -5.87
CA PRO A 258 11.06 20.44 -4.92
C PRO A 258 9.65 20.70 -4.38
N VAL A 259 9.62 21.23 -3.16
CA VAL A 259 8.40 21.68 -2.48
C VAL A 259 8.50 23.19 -2.31
N LEU A 260 7.54 23.93 -2.87
CA LEU A 260 7.55 25.38 -2.80
C LEU A 260 6.28 25.87 -2.10
N GLN A 261 6.37 26.99 -1.37
CA GLN A 261 5.16 27.67 -0.92
C GLN A 261 4.89 28.85 -1.83
N LEU A 262 3.66 28.94 -2.35
CA LEU A 262 3.24 30.05 -3.20
C LEU A 262 1.82 30.43 -2.88
N LYS A 263 1.53 31.73 -2.94
CA LYS A 263 0.16 32.22 -2.94
C LYS A 263 -0.52 31.91 -4.28
N GLU A 264 -1.87 31.83 -4.25
CA GLU A 264 -2.62 31.46 -5.46
C GLU A 264 -2.42 32.46 -6.57
N SER A 265 -2.33 33.75 -6.24
CA SER A 265 -2.06 34.77 -7.25
C SER A 265 -0.76 34.54 -8.00
N GLN A 266 0.22 33.86 -7.37
CA GLN A 266 1.52 33.62 -8.00
C GLN A 266 1.54 32.38 -8.88
N ILE A 267 0.55 31.50 -8.77
CA ILE A 267 0.54 30.32 -9.62
C ILE A 267 0.26 30.65 -11.07
N ASN A 268 1.31 30.68 -11.90
CA ASN A 268 1.15 31.07 -13.30
C ASN A 268 1.34 29.86 -14.24
N GLU A 269 1.51 30.14 -15.54
CA GLU A 269 1.61 29.05 -16.52
C GLU A 269 2.82 28.15 -16.26
N LEU A 270 3.95 28.73 -15.88
CA LEU A 270 5.14 27.93 -15.62
C LEU A 270 4.88 27.00 -14.46
N VAL A 271 4.31 27.52 -13.38
CA VAL A 271 4.08 26.69 -12.21
C VAL A 271 3.08 25.58 -12.55
N ILE A 272 2.03 25.90 -13.31
CA ILE A 272 1.07 24.86 -13.65
C ILE A 272 1.71 23.78 -14.49
N SER A 273 2.58 24.20 -15.43
CA SER A 273 3.31 23.24 -16.25
C SER A 273 4.17 22.32 -15.40
N LEU A 274 4.90 22.90 -14.43
CA LEU A 274 5.73 22.06 -13.56
C LEU A 274 4.89 21.09 -12.71
N LEU A 275 3.78 21.57 -12.15
CA LEU A 275 2.89 20.71 -11.38
C LEU A 275 2.36 19.57 -12.23
N SER A 276 2.00 19.90 -13.50
CA SER A 276 1.38 18.91 -14.38
C SER A 276 2.37 17.88 -14.85
N GLN A 277 3.66 18.18 -14.80
CA GLN A 277 4.69 17.26 -15.24
C GLN A 277 5.29 16.47 -14.11
N GLY A 278 4.74 16.57 -12.89
CA GLY A 278 5.33 15.88 -11.77
C GLY A 278 6.64 16.47 -11.25
N LYS A 279 6.92 17.74 -11.52
CA LYS A 279 8.19 18.36 -11.22
C LYS A 279 8.13 19.33 -10.06
N LEU A 280 6.97 19.47 -9.41
CA LEU A 280 6.82 20.46 -8.35
C LEU A 280 5.67 20.06 -7.41
N LEU A 281 5.86 20.31 -6.12
CA LEU A 281 4.73 20.30 -5.17
C LEU A 281 4.58 21.69 -4.59
N ILE A 282 3.35 22.14 -4.32
CA ILE A 282 3.13 23.38 -3.57
C ILE A 282 2.38 23.02 -2.30
N ARG A 283 2.98 23.29 -1.14
CA ARG A 283 2.42 23.03 0.20
C ARG A 283 3.41 23.59 1.21
N ASP A 284 3.01 23.59 2.48
CA ASP A 284 3.92 23.93 3.58
C ASP A 284 5.09 22.95 3.56
N ASN A 285 6.21 23.40 4.15
CA ASN A 285 7.37 22.52 4.34
C ASN A 285 7.77 22.45 5.80
N ASP A 286 6.80 22.62 6.69
CA ASP A 286 6.99 22.54 8.13
C ASP A 286 7.16 21.10 8.59
N SER A 289 1.74 16.72 11.01
CA SER A 289 0.89 16.39 12.15
C SER A 289 -0.41 15.70 11.72
N VAL A 290 -0.40 14.38 11.78
CA VAL A 290 -1.55 13.54 11.49
C VAL A 290 -1.86 12.75 12.74
N SER A 291 -3.05 12.97 13.33
CA SER A 291 -3.41 12.37 14.61
C SER A 291 -4.89 11.99 14.62
N THR A 292 -5.30 11.33 15.69
CA THR A 292 -6.69 10.90 15.86
C THR A 292 -7.45 11.99 16.60
N ASP A 293 -8.60 12.40 16.05
CA ASP A 293 -9.40 13.46 16.66
C ASP A 293 -10.42 12.85 17.62
N SER B 11 -3.45 -17.50 17.00
CA SER B 11 -4.35 -16.88 17.99
C SER B 11 -4.34 -17.60 19.33
N SER B 12 -4.12 -18.93 19.30
CA SER B 12 -3.85 -19.63 20.54
C SER B 12 -2.55 -19.12 21.16
N VAL B 13 -1.45 -19.18 20.39
CA VAL B 13 -0.15 -18.82 20.97
C VAL B 13 -0.11 -17.32 21.34
N LEU B 14 -0.79 -16.45 20.57
CA LEU B 14 -0.83 -15.03 20.92
C LEU B 14 -1.48 -14.80 22.28
N SER B 15 -2.53 -15.53 22.60
CA SER B 15 -3.16 -15.29 23.89
C SER B 15 -2.34 -15.92 25.00
N LEU B 16 -1.63 -16.98 24.67
CA LEU B 16 -0.74 -17.63 25.63
C LEU B 16 0.36 -16.69 26.12
N VAL B 17 1.01 -15.97 25.20
CA VAL B 17 2.14 -15.10 25.56
C VAL B 17 1.66 -13.88 26.36
N ASN B 18 0.37 -13.83 26.71
CA ASN B 18 -0.25 -12.82 27.59
C ASN B 18 -0.57 -13.38 28.98
N PHE B 19 -0.18 -14.60 29.26
CA PHE B 19 -0.40 -15.17 30.57
C PHE B 19 0.93 -15.48 31.25
N THR B 20 1.98 -14.74 30.85
CA THR B 20 3.34 -15.05 31.23
C THR B 20 4.20 -13.80 31.31
N VAL B 21 5.25 -13.89 32.16
CA VAL B 21 6.21 -12.79 32.30
C VAL B 21 7.38 -12.88 31.33
N ASP B 22 7.53 -13.99 30.60
CA ASP B 22 8.65 -14.23 29.69
C ASP B 22 8.08 -14.66 28.34
N PRO B 23 7.55 -13.71 27.58
CA PRO B 23 6.95 -14.05 26.27
C PRO B 23 7.87 -14.79 25.31
N GLN B 24 9.14 -14.40 25.26
CA GLN B 24 10.08 -15.07 24.37
C GLN B 24 10.17 -16.55 24.69
N LYS B 25 10.32 -16.88 25.97
CA LYS B 25 10.41 -18.28 26.33
C LYS B 25 9.08 -19.00 26.10
N ALA B 26 7.97 -18.31 26.37
CA ALA B 26 6.69 -18.98 26.21
C ALA B 26 6.44 -19.32 24.75
N TYR B 27 6.77 -18.40 23.84
CA TYR B 27 6.62 -18.73 22.43
C TYR B 27 7.54 -19.88 22.04
N LEU B 28 8.82 -19.78 22.40
CA LEU B 28 9.79 -20.77 21.97
C LEU B 28 9.48 -22.14 22.56
N ASP B 29 9.05 -22.20 23.83
CA ASP B 29 8.68 -23.48 24.43
C ASP B 29 7.48 -24.08 23.69
N PHE B 30 6.52 -23.22 23.31
CA PHE B 30 5.35 -23.66 22.58
C PHE B 30 5.70 -24.29 21.22
N VAL B 31 6.49 -23.60 20.39
CA VAL B 31 6.80 -24.19 19.07
C VAL B 31 7.83 -25.32 19.22
N ASN B 32 8.73 -25.25 20.20
CA ASN B 32 9.66 -26.36 20.36
C ASN B 32 8.95 -27.63 20.76
N ALA B 33 7.76 -27.50 21.34
CA ALA B 33 6.97 -28.66 21.79
C ALA B 33 5.97 -29.09 20.75
N GLY B 34 6.13 -28.62 19.52
CA GLY B 34 5.26 -28.98 18.42
C GLY B 34 4.14 -28.00 18.14
N GLY B 35 4.06 -26.88 18.86
CA GLY B 35 3.02 -25.90 18.58
C GLY B 35 3.16 -25.22 17.24
N ALA B 36 2.03 -24.91 16.61
CA ALA B 36 2.07 -24.27 15.30
C ALA B 36 2.72 -22.89 15.38
N PRO B 37 3.72 -22.59 14.54
CA PRO B 37 4.30 -21.24 14.52
C PRO B 37 3.27 -20.18 14.20
N LEU B 38 3.55 -18.97 14.63
CA LEU B 38 2.66 -17.89 14.28
C LEU B 38 2.64 -17.74 12.77
N THR B 39 1.44 -17.63 12.21
CA THR B 39 1.28 -17.45 10.78
C THR B 39 1.10 -15.98 10.43
N ASN B 40 0.95 -15.75 9.13
CA ASN B 40 0.68 -14.44 8.52
C ASN B 40 1.82 -13.46 8.70
N CYS B 41 3.04 -13.92 8.90
CA CYS B 41 4.15 -13.00 8.69
C CYS B 41 4.15 -12.50 7.25
N VAL B 42 4.56 -11.25 7.08
CA VAL B 42 4.37 -10.55 5.78
C VAL B 42 5.64 -10.80 4.98
N LYS B 43 5.60 -11.83 4.14
CA LYS B 43 6.72 -12.19 3.29
C LYS B 43 6.71 -11.29 2.06
N MET B 44 7.85 -10.69 1.73
CA MET B 44 7.94 -9.77 0.58
C MET B 44 8.43 -10.53 -0.64
N LEU B 45 8.23 -9.92 -1.82
CA LEU B 45 8.88 -10.40 -3.03
C LEU B 45 10.04 -9.45 -3.31
N THR B 46 11.22 -10.01 -3.58
CA THR B 46 12.43 -9.21 -3.66
C THR B 46 13.34 -9.76 -4.75
N PRO B 47 14.22 -8.93 -5.29
CA PRO B 47 15.29 -9.46 -6.13
C PRO B 47 16.27 -10.04 -5.14
N LYS B 48 16.53 -11.30 -5.26
CA LYS B 48 17.39 -11.86 -4.23
C LYS B 48 18.82 -11.35 -4.43
N THR B 49 19.02 -10.01 -4.50
CA THR B 49 20.34 -9.48 -4.81
C THR B 49 20.90 -8.60 -3.70
N GLY B 50 20.47 -8.78 -2.45
CA GLY B 50 20.80 -7.87 -1.37
C GLY B 50 22.07 -8.30 -0.64
N THR B 51 22.41 -7.54 0.42
CA THR B 51 23.63 -7.76 1.17
C THR B 51 23.55 -8.94 2.12
N GLY B 52 22.35 -9.28 2.61
CA GLY B 52 22.20 -10.39 3.51
C GLY B 52 22.23 -10.03 4.97
N ILE B 53 22.26 -8.73 5.31
CA ILE B 53 22.24 -8.34 6.74
C ILE B 53 20.90 -8.73 7.36
N ALA B 54 20.87 -8.71 8.69
CA ALA B 54 19.69 -9.20 9.41
C ALA B 54 18.51 -8.22 9.30
N ILE B 55 18.74 -6.92 9.54
CA ILE B 55 17.67 -5.93 9.64
C ILE B 55 18.08 -4.72 8.79
N SER B 56 17.16 -4.25 7.93
CA SER B 56 17.58 -3.28 6.93
C SER B 56 16.42 -2.35 6.60
N VAL B 57 16.78 -1.16 6.08
CA VAL B 57 15.71 -0.19 5.76
C VAL B 57 14.99 -0.57 4.50
N LYS B 58 15.62 -1.32 3.61
CA LYS B 58 14.99 -1.89 2.43
C LYS B 58 15.30 -3.37 2.41
N PRO B 59 14.56 -4.18 1.64
CA PRO B 59 14.84 -5.62 1.60
C PRO B 59 16.26 -5.88 1.15
N GLU B 60 16.90 -6.84 1.83
CA GLU B 60 18.27 -7.22 1.54
C GLU B 60 18.45 -8.73 1.45
N SER B 61 17.41 -9.50 1.11
CA SER B 61 17.65 -10.94 1.03
C SER B 61 18.64 -11.27 -0.07
N THR B 62 19.56 -12.18 0.25
CA THR B 62 20.35 -12.89 -0.75
C THR B 62 19.54 -14.05 -1.32
N ALA B 63 20.17 -14.80 -2.22
CA ALA B 63 19.52 -15.95 -2.81
C ALA B 63 19.13 -17.02 -1.78
N ASP B 64 19.66 -16.96 -0.55
CA ASP B 64 19.40 -17.99 0.47
C ASP B 64 18.51 -17.49 1.60
N GLN B 65 17.78 -16.42 1.39
CA GLN B 65 17.01 -15.79 2.45
C GLN B 65 15.69 -15.34 1.85
N GLU B 66 14.74 -15.06 2.75
CA GLU B 66 13.51 -14.34 2.40
C GLU B 66 13.43 -13.10 3.28
N THR B 67 12.75 -12.08 2.79
CA THR B 67 12.61 -10.84 3.53
C THR B 67 11.19 -10.74 4.02
N TYR B 68 11.03 -10.35 5.30
CA TYR B 68 9.70 -10.09 5.86
C TYR B 68 9.54 -8.65 6.31
N GLY B 69 8.30 -8.16 6.32
CA GLY B 69 8.03 -6.85 6.94
C GLY B 69 8.29 -7.00 8.43
N GLY B 70 8.98 -6.03 9.04
CA GLY B 70 9.57 -6.29 10.36
C GLY B 70 8.53 -6.41 11.46
N ALA B 71 7.52 -5.54 11.42
CA ALA B 71 6.51 -5.61 12.47
C ALA B 71 5.87 -6.99 12.52
N SER B 72 5.67 -7.61 11.36
CA SER B 72 4.93 -8.86 11.32
C SER B 72 5.71 -10.04 11.88
N VAL B 73 7.03 -9.95 12.01
CA VAL B 73 7.82 -11.03 12.59
C VAL B 73 8.26 -10.70 14.00
N CYS B 74 7.74 -9.61 14.58
CA CYS B 74 8.07 -9.25 15.97
C CYS B 74 6.97 -9.75 16.89
N LEU B 75 7.34 -10.65 17.84
CA LEU B 75 6.36 -11.19 18.75
C LEU B 75 5.66 -10.10 19.53
N TYR B 76 6.41 -9.10 19.98
CA TYR B 76 5.86 -8.03 20.80
C TYR B 76 4.89 -7.17 20.03
N CYS B 77 5.22 -6.84 18.79
CA CYS B 77 4.27 -6.15 17.89
C CYS B 77 3.02 -7.00 17.68
N ARG B 78 3.21 -8.28 17.35
CA ARG B 78 2.07 -9.13 16.95
C ARG B 78 1.14 -9.42 18.13
N ALA B 79 1.68 -9.56 19.34
CA ALA B 79 0.88 -9.85 20.53
C ALA B 79 0.44 -8.59 21.25
N HIS B 80 0.83 -7.42 20.75
CA HIS B 80 0.49 -6.12 21.33
C HIS B 80 0.85 -6.07 22.82
N ILE B 81 2.10 -6.46 23.12
CA ILE B 81 2.65 -6.44 24.48
C ILE B 81 3.88 -5.54 24.49
N GLU B 82 4.34 -5.23 25.69
CA GLU B 82 5.43 -4.27 25.87
C GLU B 82 6.74 -4.79 25.27
N HIS B 83 7.44 -3.93 24.55
CA HIS B 83 8.73 -4.35 24.01
C HIS B 83 9.80 -4.39 25.10
N PRO B 84 10.74 -5.33 25.01
CA PRO B 84 11.81 -5.45 26.02
C PRO B 84 12.95 -4.46 25.88
N ASP B 85 13.03 -3.74 24.76
CA ASP B 85 14.10 -2.79 24.55
C ASP B 85 14.00 -1.66 25.58
N VAL B 86 15.12 -1.38 26.27
CA VAL B 86 15.08 -0.32 27.28
C VAL B 86 14.74 1.02 26.62
N SER B 87 15.14 1.21 25.36
CA SER B 87 14.78 2.42 24.64
C SER B 87 13.28 2.48 24.31
N GLY B 88 12.51 1.43 24.59
CA GLY B 88 11.11 1.38 24.22
C GLY B 88 10.82 1.23 22.74
N VAL B 89 11.84 1.24 21.88
CA VAL B 89 11.63 1.25 20.44
C VAL B 89 11.91 -0.14 19.86
N CYS B 90 10.98 -0.62 19.05
CA CYS B 90 11.12 -1.91 18.42
C CYS B 90 12.30 -1.92 17.46
N LYS B 91 13.02 -3.03 17.42
CA LYS B 91 14.12 -3.11 16.49
C LYS B 91 13.70 -3.48 15.09
N TYR B 92 12.50 -4.03 14.89
CA TYR B 92 12.06 -4.49 13.56
C TYR B 92 11.06 -3.58 12.87
N LYS B 93 10.13 -3.02 13.64
CA LYS B 93 8.98 -2.32 13.06
C LYS B 93 9.45 -1.18 12.17
N GLY B 94 8.82 -1.02 11.00
CA GLY B 94 9.28 -0.02 10.07
C GLY B 94 10.47 -0.43 9.24
N LYS B 95 11.05 -1.62 9.46
CA LYS B 95 12.19 -2.11 8.70
C LYS B 95 11.87 -3.48 8.13
N PHE B 96 12.86 -4.06 7.46
CA PHE B 96 12.72 -5.38 6.88
C PHE B 96 13.67 -6.34 7.55
N VAL B 97 13.25 -7.60 7.68
CA VAL B 97 14.03 -8.61 8.41
C VAL B 97 14.32 -9.77 7.46
N GLN B 98 15.58 -10.11 7.30
CA GLN B 98 16.00 -11.25 6.47
C GLN B 98 16.02 -12.53 7.29
N ILE B 99 15.46 -13.59 6.72
CA ILE B 99 15.37 -14.88 7.44
C ILE B 99 16.02 -15.92 6.54
N PRO B 100 16.89 -16.83 7.05
CA PRO B 100 17.38 -17.94 6.21
C PRO B 100 16.21 -18.70 5.58
N ALA B 101 16.37 -19.11 4.31
CA ALA B 101 15.25 -19.73 3.61
C ALA B 101 14.84 -21.06 4.23
N GLN B 102 15.74 -21.70 4.95
CA GLN B 102 15.41 -22.96 5.61
C GLN B 102 14.68 -22.76 6.93
N CYS B 103 14.47 -21.51 7.39
CA CYS B 103 13.75 -21.27 8.63
C CYS B 103 12.41 -20.57 8.42
N VAL B 104 11.89 -20.56 7.18
CA VAL B 104 10.68 -19.78 6.93
C VAL B 104 9.41 -20.41 7.47
N ARG B 105 9.48 -21.63 7.99
CA ARG B 105 8.34 -22.21 8.68
C ARG B 105 7.98 -21.46 9.96
N ASP B 106 8.93 -20.76 10.59
CA ASP B 106 8.65 -20.01 11.81
C ASP B 106 9.55 -18.79 11.91
N PRO B 107 9.28 -17.76 11.12
CA PRO B 107 10.08 -16.52 11.23
C PRO B 107 10.09 -15.91 12.63
N VAL B 108 8.95 -15.86 13.32
CA VAL B 108 8.93 -15.26 14.65
C VAL B 108 9.86 -16.04 15.58
N GLY B 109 9.81 -17.37 15.51
CA GLY B 109 10.68 -18.17 16.36
C GLY B 109 12.15 -17.99 16.01
N PHE B 110 12.48 -17.95 14.71
CA PHE B 110 13.85 -17.63 14.30
C PHE B 110 14.30 -16.32 14.93
N CYS B 111 13.47 -15.27 14.88
CA CYS B 111 13.90 -13.99 15.40
C CYS B 111 14.09 -14.04 16.91
N LEU B 112 13.17 -14.69 17.62
CA LEU B 112 13.31 -14.83 19.08
C LEU B 112 14.56 -15.61 19.46
N SER B 113 15.05 -16.47 18.57
CA SER B 113 16.09 -17.44 18.86
C SER B 113 17.48 -16.95 18.50
N ASN B 114 17.60 -15.82 17.82
CA ASN B 114 18.85 -15.42 17.20
C ASN B 114 19.07 -13.94 17.42
N THR B 115 20.30 -13.50 17.16
CA THR B 115 20.68 -12.10 17.43
C THR B 115 21.63 -11.63 16.35
N PRO B 116 21.45 -10.41 15.83
CA PRO B 116 22.41 -9.86 14.88
C PRO B 116 23.74 -9.59 15.58
N CYS B 117 24.83 -9.83 14.84
CA CYS B 117 26.16 -9.53 15.33
C CYS B 117 26.29 -8.04 15.58
N ASN B 118 26.87 -7.68 16.73
CA ASN B 118 26.91 -6.27 17.11
C ASN B 118 27.92 -5.46 16.30
N VAL B 119 28.90 -6.09 15.66
CA VAL B 119 29.81 -5.36 14.80
C VAL B 119 29.37 -5.41 13.34
N CYS B 120 28.99 -6.57 12.80
CA CYS B 120 28.70 -6.66 11.37
C CYS B 120 27.22 -6.64 10.98
N GLN B 121 26.30 -6.70 11.94
CA GLN B 121 24.86 -6.63 11.69
C GLN B 121 24.27 -7.82 10.90
N TYR B 122 25.08 -8.82 10.53
CA TYR B 122 24.54 -10.08 10.05
C TYR B 122 24.18 -11.01 11.22
N TRP B 123 23.25 -11.93 10.97
CA TRP B 123 22.88 -12.91 11.99
C TRP B 123 24.09 -13.73 12.41
N ILE B 124 24.31 -13.81 13.72
CA ILE B 124 25.31 -14.72 14.27
C ILE B 124 24.89 -16.14 13.92
N GLY B 125 25.77 -16.86 13.21
CA GLY B 125 25.48 -18.21 12.79
C GLY B 125 24.85 -18.33 11.45
N TYR B 126 24.41 -17.22 10.87
CA TYR B 126 23.69 -17.21 9.60
C TYR B 126 24.11 -16.01 8.77
N GLY B 127 25.43 -15.85 8.61
CA GLY B 127 25.95 -14.72 7.87
C GLY B 127 27.15 -14.05 8.49
N CYS B 128 27.16 -13.90 9.81
CA CYS B 128 28.26 -13.22 10.48
C CYS B 128 29.54 -14.04 10.33
N ASN B 129 30.53 -13.45 9.65
CA ASN B 129 31.83 -14.07 9.44
C ASN B 129 32.87 -13.68 10.48
N CYS B 130 32.52 -12.84 11.45
CA CYS B 130 33.49 -12.30 12.40
C CYS B 130 34.14 -13.39 13.25
#